data_1HXZ
#
_entry.id   1HXZ
#
_cell.length_a   81.926
_cell.length_b   82.599
_cell.length_c   89.340
_cell.angle_alpha   90.00
_cell.angle_beta   90.00
_cell.angle_gamma   90.00
#
_symmetry.space_group_name_H-M   'C 2 2 21'
#
loop_
_entity.id
_entity.type
_entity.pdbx_description
1 polymer STREPTAVIDIN
2 polymer MP-2
3 water water
#
loop_
_entity_poly.entity_id
_entity_poly.type
_entity_poly.pdbx_seq_one_letter_code
_entity_poly.pdbx_strand_id
1 'polypeptide(L)'
;GAAEAGITGTWYNQLGSTFIVTAGADGALTGTYESAVGNAESRYVLTGRYDSAPATDGSGTALGWTVAWKNNYRNAHSAT
TWSGQYVGGAEARINTQWLLTSGTTEANAWKSTLVGHDTFTKVKPSAAS
;
A,B
2 'polypeptide(L)' RCCHPQCGMVEECR C,D
#
# COMPACT_ATOMS: atom_id res chain seq x y z
N ALA A 3 -0.22 -15.09 11.17
CA ALA A 3 -0.96 -16.25 10.61
C ALA A 3 -0.91 -16.25 9.09
N GLU A 4 0.25 -16.63 8.55
CA GLU A 4 0.44 -16.68 7.10
C GLU A 4 -0.53 -17.68 6.50
N ALA A 5 -0.75 -18.80 7.21
CA ALA A 5 -1.66 -19.83 6.75
C ALA A 5 -3.08 -19.29 6.73
N GLY A 6 -3.38 -18.40 7.67
CA GLY A 6 -4.72 -17.84 7.75
C GLY A 6 -5.00 -16.81 6.67
N ILE A 7 -3.98 -16.06 6.26
CA ILE A 7 -4.14 -15.03 5.24
C ILE A 7 -4.09 -15.58 3.82
N THR A 8 -3.20 -16.53 3.58
CA THR A 8 -3.06 -17.13 2.26
C THR A 8 -4.36 -17.74 1.75
N GLY A 9 -4.75 -17.39 0.53
CA GLY A 9 -5.97 -17.92 -0.03
C GLY A 9 -6.73 -16.92 -0.88
N THR A 10 -8.00 -17.22 -1.12
CA THR A 10 -8.87 -16.39 -1.93
C THR A 10 -9.80 -15.57 -1.06
N TRP A 11 -9.90 -14.27 -1.34
CA TRP A 11 -10.76 -13.38 -0.59
C TRP A 11 -11.73 -12.66 -1.51
N TYR A 12 -12.92 -12.36 -0.99
CA TYR A 12 -13.96 -11.67 -1.76
C TYR A 12 -14.46 -10.45 -1.01
N ASN A 13 -14.67 -9.35 -1.73
CA ASN A 13 -15.18 -8.14 -1.10
C ASN A 13 -16.67 -8.03 -1.42
N GLN A 14 -17.30 -6.94 -0.98
CA GLN A 14 -18.72 -6.76 -1.23
C GLN A 14 -19.04 -6.11 -2.57
N LEU A 15 -18.02 -5.72 -3.32
CA LEU A 15 -18.24 -5.08 -4.61
C LEU A 15 -18.14 -6.04 -5.79
N GLY A 16 -17.76 -7.29 -5.53
CA GLY A 16 -17.65 -8.26 -6.61
C GLY A 16 -16.23 -8.44 -7.11
N SER A 17 -15.25 -8.14 -6.26
CA SER A 17 -13.85 -8.29 -6.63
C SER A 17 -13.26 -9.47 -5.86
N THR A 18 -12.24 -10.09 -6.45
CA THR A 18 -11.60 -11.24 -5.83
C THR A 18 -10.10 -11.07 -5.82
N PHE A 19 -9.45 -11.45 -4.71
CA PHE A 19 -8.01 -11.36 -4.70
C PHE A 19 -7.43 -12.59 -4.05
N ILE A 20 -6.42 -13.14 -4.72
CA ILE A 20 -5.74 -14.34 -4.26
C ILE A 20 -4.39 -13.88 -3.78
N VAL A 21 -4.04 -14.25 -2.56
CA VAL A 21 -2.77 -13.81 -2.00
C VAL A 21 -2.02 -14.92 -1.29
N THR A 22 -0.70 -14.78 -1.26
CA THR A 22 0.16 -15.73 -0.58
C THR A 22 0.95 -14.92 0.43
N ALA A 23 0.87 -15.31 1.70
CA ALA A 23 1.57 -14.62 2.76
C ALA A 23 2.88 -15.35 3.05
N GLY A 24 4.00 -14.68 2.78
CA GLY A 24 5.29 -15.30 3.02
C GLY A 24 5.68 -15.25 4.48
N ALA A 25 6.57 -16.14 4.90
CA ALA A 25 7.01 -16.18 6.29
C ALA A 25 7.76 -14.91 6.66
N ASP A 26 8.28 -14.23 5.64
CA ASP A 26 9.05 -13.01 5.81
C ASP A 26 8.21 -11.72 5.88
N GLY A 27 6.89 -11.87 5.91
CA GLY A 27 6.02 -10.71 5.98
C GLY A 27 5.58 -10.17 4.63
N ALA A 28 5.91 -10.89 3.58
CA ALA A 28 5.54 -10.46 2.23
C ALA A 28 4.15 -10.95 1.81
N LEU A 29 3.48 -10.10 1.03
CA LEU A 29 2.17 -10.43 0.48
C LEU A 29 2.30 -10.28 -1.02
N THR A 30 1.95 -11.33 -1.76
CA THR A 30 2.03 -11.28 -3.21
C THR A 30 0.80 -11.98 -3.76
N GLY A 31 0.28 -11.45 -4.87
CA GLY A 31 -0.89 -12.08 -5.44
C GLY A 31 -1.49 -11.38 -6.63
N THR A 32 -2.77 -11.62 -6.83
CA THR A 32 -3.50 -11.04 -7.96
C THR A 32 -4.84 -10.50 -7.49
N TYR A 33 -5.22 -9.34 -8.03
CA TYR A 33 -6.49 -8.72 -7.71
C TYR A 33 -7.24 -8.77 -9.03
N GLU A 34 -8.44 -9.36 -9.01
CA GLU A 34 -9.21 -9.51 -10.24
C GLU A 34 -10.71 -9.34 -10.05
N SER A 35 -11.44 -9.38 -11.16
CA SER A 35 -12.88 -9.25 -11.13
C SER A 35 -13.46 -10.61 -10.71
N ALA A 36 -14.76 -10.63 -10.40
CA ALA A 36 -15.41 -11.86 -10.00
C ALA A 36 -15.25 -12.93 -11.07
N VAL A 37 -15.31 -12.50 -12.34
CA VAL A 37 -15.19 -13.41 -13.47
C VAL A 37 -13.78 -13.99 -13.59
N GLY A 38 -12.77 -13.17 -13.35
CA GLY A 38 -11.40 -13.65 -13.43
C GLY A 38 -10.76 -13.61 -14.81
N ASN A 39 -11.40 -12.94 -15.77
CA ASN A 39 -10.86 -12.85 -17.12
C ASN A 39 -9.47 -12.21 -17.08
N ALA A 40 -8.61 -12.61 -18.01
CA ALA A 40 -7.24 -12.12 -18.09
C ALA A 40 -7.08 -10.60 -18.11
N GLU A 41 -7.95 -9.89 -18.81
CA GLU A 41 -7.84 -8.44 -18.89
C GLU A 41 -8.15 -7.73 -17.57
N SER A 42 -8.77 -8.43 -16.64
CA SER A 42 -9.11 -7.81 -15.36
C SER A 42 -8.26 -8.23 -14.18
N ARG A 43 -7.12 -8.87 -14.46
CA ARG A 43 -6.21 -9.34 -13.42
C ARG A 43 -5.06 -8.35 -13.25
N TYR A 44 -4.78 -7.97 -12.01
CA TYR A 44 -3.69 -7.03 -11.71
C TYR A 44 -2.80 -7.54 -10.60
N VAL A 45 -1.51 -7.22 -10.70
CA VAL A 45 -0.54 -7.64 -9.69
C VAL A 45 -0.74 -6.87 -8.40
N LEU A 46 -0.58 -7.54 -7.27
CA LEU A 46 -0.70 -6.89 -5.98
C LEU A 46 0.50 -7.31 -5.15
N THR A 47 1.01 -6.37 -4.36
CA THR A 47 2.13 -6.65 -3.48
C THR A 47 1.91 -5.87 -2.20
N GLY A 48 2.30 -6.47 -1.08
CA GLY A 48 2.12 -5.81 0.20
C GLY A 48 2.96 -6.41 1.30
N ARG A 49 2.63 -6.04 2.54
CA ARG A 49 3.35 -6.50 3.70
C ARG A 49 2.37 -6.74 4.84
N TYR A 50 2.73 -7.62 5.77
CA TYR A 50 1.89 -7.89 6.92
C TYR A 50 2.77 -8.20 8.13
N ASP A 51 2.19 -8.07 9.32
CA ASP A 51 2.89 -8.34 10.56
C ASP A 51 2.97 -9.86 10.69
N SER A 52 4.16 -10.42 10.50
CA SER A 52 4.35 -11.87 10.57
C SER A 52 4.49 -12.43 11.99
N ALA A 53 4.40 -11.55 12.98
CA ALA A 53 4.49 -11.95 14.39
C ALA A 53 3.56 -11.07 15.20
N PRO A 54 2.25 -11.18 14.96
CA PRO A 54 1.24 -10.38 15.66
C PRO A 54 1.15 -10.67 17.16
N ALA A 55 0.49 -9.78 17.89
CA ALA A 55 0.31 -9.92 19.32
C ALA A 55 -0.55 -11.16 19.58
N THR A 56 -0.45 -11.72 20.77
CA THR A 56 -1.22 -12.90 21.13
C THR A 56 -2.33 -12.58 22.11
N ASP A 57 -2.67 -11.30 22.24
CA ASP A 57 -3.71 -10.87 23.16
C ASP A 57 -5.07 -10.77 22.47
N GLY A 58 -5.19 -11.39 21.30
CA GLY A 58 -6.44 -11.36 20.56
C GLY A 58 -6.57 -10.23 19.56
N SER A 59 -5.49 -9.48 19.35
CA SER A 59 -5.50 -8.38 18.40
C SER A 59 -5.42 -8.88 16.97
N GLY A 60 -5.86 -8.04 16.03
CA GLY A 60 -5.80 -8.40 14.63
C GLY A 60 -4.38 -8.33 14.11
N THR A 61 -4.19 -8.75 12.86
CA THR A 61 -2.87 -8.73 12.23
C THR A 61 -2.83 -7.58 11.22
N ALA A 62 -1.98 -6.59 11.48
CA ALA A 62 -1.87 -5.44 10.59
C ALA A 62 -1.25 -5.79 9.25
N LEU A 63 -1.83 -5.22 8.19
CA LEU A 63 -1.33 -5.48 6.84
C LEU A 63 -1.75 -4.38 5.88
N GLY A 64 -1.19 -4.44 4.68
CA GLY A 64 -1.52 -3.47 3.65
C GLY A 64 -0.98 -3.94 2.32
N TRP A 65 -1.61 -3.51 1.23
CA TRP A 65 -1.11 -3.88 -0.08
C TRP A 65 -1.45 -2.82 -1.10
N THR A 66 -0.80 -2.89 -2.25
CA THR A 66 -1.00 -1.92 -3.31
C THR A 66 -1.26 -2.61 -4.63
N VAL A 67 -2.07 -1.97 -5.46
CA VAL A 67 -2.36 -2.46 -6.79
C VAL A 67 -2.32 -1.25 -7.71
N ALA A 68 -1.42 -1.27 -8.70
CA ALA A 68 -1.36 -0.18 -9.68
C ALA A 68 -2.27 -0.72 -10.78
N TRP A 69 -3.23 0.10 -11.21
CA TRP A 69 -4.19 -0.35 -12.20
C TRP A 69 -3.75 -0.41 -13.65
N LYS A 70 -2.67 -1.15 -13.87
CA LYS A 70 -2.13 -1.36 -15.21
C LYS A 70 -1.67 -2.80 -15.32
N ASN A 71 -2.02 -3.43 -16.44
CA ASN A 71 -1.58 -4.80 -16.71
C ASN A 71 -1.19 -4.80 -18.18
N ASN A 72 -1.04 -5.97 -18.77
CA ASN A 72 -0.63 -6.03 -20.18
C ASN A 72 -1.74 -5.70 -21.17
N TYR A 73 -2.95 -5.44 -20.66
CA TYR A 73 -4.07 -5.13 -21.55
C TYR A 73 -4.69 -3.74 -21.35
N ARG A 74 -4.64 -3.23 -20.13
CA ARG A 74 -5.25 -1.94 -19.83
C ARG A 74 -4.45 -1.09 -18.85
N ASN A 75 -4.76 0.20 -18.81
CA ASN A 75 -4.08 1.12 -17.90
C ASN A 75 -5.05 2.22 -17.52
N ALA A 76 -5.37 2.29 -16.22
CA ALA A 76 -6.29 3.29 -15.70
C ALA A 76 -5.57 4.46 -15.04
N HIS A 77 -4.24 4.50 -15.19
CA HIS A 77 -3.42 5.58 -14.62
C HIS A 77 -3.82 5.93 -13.19
N SER A 78 -3.82 4.93 -12.33
CA SER A 78 -4.17 5.09 -10.93
C SER A 78 -3.65 3.93 -10.11
N ALA A 79 -3.67 4.09 -8.80
CA ALA A 79 -3.20 3.06 -7.89
C ALA A 79 -3.99 3.11 -6.60
N THR A 80 -4.28 1.95 -6.06
CA THR A 80 -5.03 1.87 -4.81
C THR A 80 -4.23 1.14 -3.75
N THR A 81 -4.29 1.64 -2.52
CA THR A 81 -3.61 0.99 -1.42
C THR A 81 -4.69 0.68 -0.38
N TRP A 82 -4.63 -0.54 0.16
CA TRP A 82 -5.57 -0.98 1.18
C TRP A 82 -4.80 -1.12 2.48
N SER A 83 -5.33 -0.54 3.56
CA SER A 83 -4.68 -0.64 4.86
C SER A 83 -5.70 -1.21 5.85
N GLY A 84 -5.31 -2.23 6.60
CA GLY A 84 -6.25 -2.80 7.55
C GLY A 84 -5.68 -3.93 8.37
N GLN A 85 -6.56 -4.80 8.84
CA GLN A 85 -6.09 -5.92 9.63
C GLN A 85 -6.90 -7.18 9.37
N TYR A 86 -6.21 -8.30 9.52
CA TYR A 86 -6.80 -9.61 9.33
C TYR A 86 -7.26 -10.12 10.69
N VAL A 87 -8.47 -10.69 10.72
CA VAL A 87 -9.03 -11.26 11.94
C VAL A 87 -9.38 -12.71 11.61
N GLY A 88 -8.74 -13.65 12.30
CA GLY A 88 -9.00 -15.06 12.05
C GLY A 88 -10.25 -15.59 12.71
N GLY A 89 -10.49 -16.90 12.56
CA GLY A 89 -11.66 -17.51 13.16
C GLY A 89 -12.62 -18.12 12.14
N ALA A 90 -13.72 -18.67 12.65
CA ALA A 90 -14.73 -19.30 11.79
C ALA A 90 -15.23 -18.31 10.75
N GLU A 91 -15.31 -17.04 11.14
CA GLU A 91 -15.75 -15.98 10.24
C GLU A 91 -14.60 -14.99 10.04
N ALA A 92 -13.49 -15.51 9.53
CA ALA A 92 -12.31 -14.69 9.30
C ALA A 92 -12.61 -13.60 8.27
N ARG A 93 -11.94 -12.46 8.43
CA ARG A 93 -12.13 -11.37 7.49
C ARG A 93 -10.97 -10.40 7.54
N ILE A 94 -10.87 -9.58 6.50
CA ILE A 94 -9.84 -8.55 6.44
C ILE A 94 -10.62 -7.26 6.31
N ASN A 95 -10.52 -6.42 7.35
CA ASN A 95 -11.21 -5.15 7.38
C ASN A 95 -10.22 -4.09 6.92
N THR A 96 -10.59 -3.35 5.87
CA THR A 96 -9.68 -2.35 5.34
C THR A 96 -10.32 -1.01 5.01
N GLN A 97 -9.45 -0.04 4.78
CA GLN A 97 -9.82 1.28 4.35
C GLN A 97 -8.81 1.49 3.23
N TRP A 98 -9.25 2.10 2.14
CA TRP A 98 -8.36 2.29 1.01
C TRP A 98 -8.29 3.71 0.48
N LEU A 99 -7.24 3.96 -0.29
CA LEU A 99 -7.01 5.24 -0.93
C LEU A 99 -6.70 5.00 -2.41
N LEU A 100 -7.49 5.58 -3.28
CA LEU A 100 -7.30 5.44 -4.71
C LEU A 100 -6.84 6.77 -5.28
N THR A 101 -5.59 6.81 -5.73
CA THR A 101 -5.01 8.04 -6.30
C THR A 101 -4.86 7.90 -7.81
N SER A 102 -5.33 8.92 -8.53
CA SER A 102 -5.24 8.95 -9.98
C SER A 102 -4.15 9.92 -10.41
N GLY A 103 -3.50 9.64 -11.54
CA GLY A 103 -2.48 10.55 -12.03
C GLY A 103 -3.22 11.77 -12.53
N THR A 104 -2.88 12.96 -12.04
CA THR A 104 -3.56 14.18 -12.45
C THR A 104 -2.60 15.32 -12.75
N THR A 105 -3.13 16.38 -13.33
CA THR A 105 -2.35 17.56 -13.62
C THR A 105 -2.27 18.29 -12.27
N GLU A 106 -1.40 19.29 -12.18
CA GLU A 106 -1.26 20.03 -10.93
C GLU A 106 -2.58 20.68 -10.53
N ALA A 107 -3.32 21.16 -11.53
CA ALA A 107 -4.59 21.84 -11.30
C ALA A 107 -5.67 20.92 -10.72
N ASN A 108 -5.60 19.62 -11.02
CA ASN A 108 -6.59 18.69 -10.52
C ASN A 108 -6.10 17.84 -9.36
N ALA A 109 -4.90 18.12 -8.86
CA ALA A 109 -4.32 17.37 -7.77
C ALA A 109 -5.20 17.33 -6.51
N TRP A 110 -5.95 18.40 -6.26
CA TRP A 110 -6.79 18.46 -5.08
C TRP A 110 -7.87 17.37 -5.04
N LYS A 111 -8.29 16.90 -6.21
CA LYS A 111 -9.31 15.86 -6.31
C LYS A 111 -8.73 14.56 -6.86
N SER A 112 -7.47 14.28 -6.54
CA SER A 112 -6.80 13.10 -7.05
C SER A 112 -6.98 11.82 -6.22
N THR A 113 -7.48 11.97 -5.00
CA THR A 113 -7.58 10.81 -4.13
C THR A 113 -8.95 10.49 -3.54
N LEU A 114 -9.41 9.27 -3.80
CA LEU A 114 -10.68 8.79 -3.28
C LEU A 114 -10.40 7.92 -2.05
N VAL A 115 -11.33 7.91 -1.11
CA VAL A 115 -11.17 7.11 0.09
C VAL A 115 -12.42 6.24 0.29
N GLY A 116 -12.21 5.02 0.76
CA GLY A 116 -13.32 4.13 0.99
C GLY A 116 -12.95 3.02 1.94
N HIS A 117 -13.78 1.98 2.00
CA HIS A 117 -13.52 0.86 2.88
C HIS A 117 -14.07 -0.42 2.28
N ASP A 118 -13.32 -1.51 2.47
CA ASP A 118 -13.70 -2.83 1.97
C ASP A 118 -13.56 -3.86 3.07
N THR A 119 -14.46 -4.83 3.08
CA THR A 119 -14.41 -5.92 4.02
C THR A 119 -14.32 -7.17 3.16
N PHE A 120 -13.26 -7.95 3.34
CA PHE A 120 -13.06 -9.17 2.56
C PHE A 120 -13.35 -10.39 3.42
N THR A 121 -14.01 -11.38 2.82
CA THR A 121 -14.33 -12.61 3.53
C THR A 121 -13.88 -13.78 2.68
N LYS A 122 -13.79 -14.96 3.29
CA LYS A 122 -13.35 -16.15 2.58
C LYS A 122 -14.51 -16.79 1.81
N VAL A 123 -15.73 -16.38 2.13
CA VAL A 123 -16.92 -16.92 1.47
C VAL A 123 -17.47 -15.89 0.49
N ALA B 3 9.38 8.87 -14.14
CA ALA B 3 9.27 7.44 -14.54
C ALA B 3 10.25 6.61 -13.75
N GLU B 4 10.49 5.38 -14.21
CA GLU B 4 11.42 4.48 -13.54
C GLU B 4 12.69 5.22 -13.13
N ALA B 5 13.32 5.88 -14.09
CA ALA B 5 14.54 6.64 -13.83
C ALA B 5 14.28 7.80 -12.87
N GLY B 6 13.09 8.38 -12.97
CA GLY B 6 12.75 9.50 -12.10
C GLY B 6 12.41 9.11 -10.67
N ILE B 7 11.81 7.94 -10.49
CA ILE B 7 11.42 7.49 -9.16
C ILE B 7 12.54 6.81 -8.37
N THR B 8 13.37 6.02 -9.07
CA THR B 8 14.47 5.33 -8.42
C THR B 8 15.40 6.31 -7.71
N GLY B 9 15.73 6.02 -6.46
CA GLY B 9 16.61 6.89 -5.72
C GLY B 9 16.23 7.06 -4.26
N THR B 10 16.81 8.08 -3.66
CA THR B 10 16.57 8.39 -2.26
C THR B 10 15.63 9.58 -2.12
N TRP B 11 14.63 9.42 -1.26
CA TRP B 11 13.64 10.48 -1.02
C TRP B 11 13.58 10.81 0.47
N TYR B 12 13.26 12.05 0.77
CA TYR B 12 13.18 12.51 2.15
C TYR B 12 11.84 13.18 2.40
N ASN B 13 11.23 12.90 3.54
CA ASN B 13 9.95 13.53 3.86
C ASN B 13 10.23 14.72 4.78
N GLN B 14 9.18 15.43 5.16
CA GLN B 14 9.33 16.60 6.02
C GLN B 14 9.36 16.24 7.50
N LEU B 15 9.37 14.95 7.81
CA LEU B 15 9.36 14.51 9.20
C LEU B 15 10.64 13.85 9.70
N GLY B 16 11.64 13.71 8.83
CA GLY B 16 12.88 13.09 9.24
C GLY B 16 13.08 11.65 8.80
N SER B 17 12.27 11.19 7.85
CA SER B 17 12.40 9.83 7.36
C SER B 17 13.01 9.80 5.96
N THR B 18 13.68 8.70 5.66
CA THR B 18 14.33 8.54 4.37
C THR B 18 13.89 7.21 3.75
N PHE B 19 13.59 7.21 2.45
CA PHE B 19 13.23 5.96 1.83
C PHE B 19 13.94 5.82 0.49
N ILE B 20 14.61 4.69 0.33
CA ILE B 20 15.37 4.39 -0.87
C ILE B 20 14.53 3.40 -1.64
N VAL B 21 14.26 3.70 -2.90
CA VAL B 21 13.44 2.81 -3.70
C VAL B 21 13.97 2.60 -5.10
N THR B 22 13.62 1.45 -5.66
CA THR B 22 14.02 1.11 -7.02
C THR B 22 12.74 0.82 -7.79
N ALA B 23 12.55 1.51 -8.91
CA ALA B 23 11.36 1.32 -9.73
C ALA B 23 11.68 0.33 -10.84
N GLY B 24 11.01 -0.82 -10.81
CA GLY B 24 11.23 -1.84 -11.81
C GLY B 24 10.55 -1.50 -13.13
N ALA B 25 11.03 -2.08 -14.22
CA ALA B 25 10.47 -1.80 -15.53
C ALA B 25 8.99 -2.17 -15.67
N ASP B 26 8.53 -3.16 -14.91
CA ASP B 26 7.15 -3.58 -14.99
C ASP B 26 6.24 -3.15 -13.84
N GLY B 27 6.51 -1.98 -13.26
CA GLY B 27 5.66 -1.46 -12.20
C GLY B 27 6.00 -1.80 -10.76
N ALA B 28 7.07 -2.54 -10.51
CA ALA B 28 7.43 -2.91 -9.15
C ALA B 28 8.19 -1.80 -8.43
N LEU B 29 7.91 -1.68 -7.13
CA LEU B 29 8.56 -0.70 -6.28
C LEU B 29 9.12 -1.53 -5.12
N THR B 30 10.43 -1.44 -4.90
CA THR B 30 11.09 -2.18 -3.82
C THR B 30 12.12 -1.29 -3.16
N GLY B 31 12.32 -1.46 -1.85
CA GLY B 31 13.29 -0.64 -1.18
C GLY B 31 13.28 -0.73 0.33
N THR B 32 13.74 0.34 0.97
CA THR B 32 13.83 0.41 2.41
C THR B 32 13.37 1.76 2.93
N TYR B 33 12.68 1.75 4.07
CA TYR B 33 12.20 2.95 4.71
C TYR B 33 12.96 3.01 6.03
N GLU B 34 13.67 4.10 6.27
CA GLU B 34 14.46 4.21 7.50
C GLU B 34 14.37 5.59 8.17
N SER B 35 14.69 5.63 9.46
CA SER B 35 14.65 6.87 10.23
C SER B 35 16.04 7.49 10.28
N ALA B 36 17.03 6.66 10.55
CA ALA B 36 18.42 7.12 10.63
C ALA B 36 19.34 6.19 9.85
N VAL B 37 20.31 6.77 9.15
CA VAL B 37 21.25 5.98 8.37
C VAL B 37 22.24 5.27 9.29
N GLY B 38 22.73 4.11 8.84
CA GLY B 38 23.69 3.36 9.64
C GLY B 38 23.10 2.73 10.89
N ASN B 39 21.78 2.60 10.92
CA ASN B 39 21.12 2.00 12.07
C ASN B 39 20.17 0.89 11.62
N ALA B 40 20.61 -0.34 11.78
CA ALA B 40 19.83 -1.51 11.39
C ALA B 40 18.45 -1.59 12.01
N GLU B 41 18.33 -1.21 13.28
CA GLU B 41 17.06 -1.28 13.98
C GLU B 41 15.97 -0.35 13.46
N SER B 42 16.34 0.63 12.64
CA SER B 42 15.36 1.58 12.12
C SER B 42 15.02 1.37 10.64
N ARG B 43 15.53 0.29 10.04
CA ARG B 43 15.26 0.01 8.64
C ARG B 43 14.13 -1.00 8.46
N TYR B 44 13.21 -0.70 7.55
CA TYR B 44 12.08 -1.58 7.28
C TYR B 44 11.89 -1.79 5.78
N VAL B 45 11.44 -2.99 5.41
CA VAL B 45 11.19 -3.33 4.03
C VAL B 45 9.95 -2.63 3.48
N LEU B 46 10.03 -2.19 2.25
CA LEU B 46 8.87 -1.54 1.63
C LEU B 46 8.68 -2.18 0.26
N THR B 47 7.42 -2.34 -0.12
CA THR B 47 7.11 -2.90 -1.43
C THR B 47 5.89 -2.15 -1.95
N GLY B 48 5.83 -1.97 -3.26
CA GLY B 48 4.71 -1.25 -3.85
C GLY B 48 4.62 -1.40 -5.35
N ARG B 49 3.77 -0.57 -5.95
CA ARG B 49 3.53 -0.61 -7.39
C ARG B 49 3.37 0.80 -7.92
N TYR B 50 3.69 1.00 -9.19
CA TYR B 50 3.53 2.31 -9.81
C TYR B 50 3.12 2.12 -11.26
N ASP B 51 2.55 3.17 -11.85
CA ASP B 51 2.13 3.15 -13.24
C ASP B 51 3.39 3.32 -14.08
N SER B 52 3.83 2.24 -14.72
CA SER B 52 5.04 2.26 -15.54
C SER B 52 4.89 2.87 -16.93
N ALA B 53 3.66 3.28 -17.25
CA ALA B 53 3.38 3.90 -18.54
C ALA B 53 2.37 5.03 -18.33
N PRO B 54 2.78 6.07 -17.59
CA PRO B 54 1.91 7.21 -17.30
C PRO B 54 1.53 8.03 -18.54
N ALA B 55 0.46 8.81 -18.40
CA ALA B 55 -0.03 9.65 -19.49
C ALA B 55 1.05 10.68 -19.84
N THR B 56 1.00 11.21 -21.06
CA THR B 56 1.98 12.20 -21.50
C THR B 56 1.36 13.58 -21.64
N ASP B 57 0.30 13.84 -20.87
CA ASP B 57 -0.38 15.13 -20.91
C ASP B 57 0.05 16.03 -19.75
N GLY B 58 1.10 15.62 -19.05
CA GLY B 58 1.58 16.41 -17.93
C GLY B 58 1.05 15.94 -16.58
N SER B 59 0.33 14.82 -16.59
CA SER B 59 -0.21 14.27 -15.35
C SER B 59 0.86 13.56 -14.54
N GLY B 60 0.61 13.42 -13.24
CA GLY B 60 1.55 12.74 -12.39
C GLY B 60 1.51 11.24 -12.60
N THR B 61 2.43 10.52 -11.96
CA THR B 61 2.52 9.08 -12.08
C THR B 61 1.97 8.45 -10.79
N ALA B 62 0.84 7.74 -10.92
CA ALA B 62 0.23 7.10 -9.75
C ALA B 62 1.08 5.99 -9.18
N LEU B 63 1.14 5.93 -7.85
CA LEU B 63 1.90 4.90 -7.16
C LEU B 63 1.45 4.72 -5.73
N GLY B 64 1.95 3.66 -5.09
CA GLY B 64 1.61 3.38 -3.71
C GLY B 64 2.55 2.33 -3.17
N TRP B 65 2.77 2.31 -1.86
CA TRP B 65 3.64 1.31 -1.28
C TRP B 65 3.23 1.05 0.16
N THR B 66 3.69 -0.08 0.70
CA THR B 66 3.36 -0.48 2.05
C THR B 66 4.60 -0.81 2.86
N VAL B 67 4.53 -0.54 4.16
CA VAL B 67 5.61 -0.87 5.07
C VAL B 67 4.95 -1.44 6.32
N ALA B 68 5.32 -2.67 6.67
CA ALA B 68 4.81 -3.30 7.89
C ALA B 68 5.92 -2.96 8.87
N TRP B 69 5.55 -2.37 10.00
CA TRP B 69 6.53 -1.93 10.99
C TRP B 69 7.15 -3.00 11.86
N LYS B 70 7.73 -4.00 11.20
CA LYS B 70 8.40 -5.07 11.88
C LYS B 70 9.67 -5.40 11.12
N ASN B 71 10.77 -5.58 11.85
CA ASN B 71 12.02 -5.98 11.25
C ASN B 71 12.63 -7.01 12.20
N ASN B 72 13.91 -7.31 12.06
CA ASN B 72 14.53 -8.31 12.91
C ASN B 72 14.83 -7.86 14.33
N TYR B 73 14.46 -6.62 14.67
CA TYR B 73 14.73 -6.08 16.01
C TYR B 73 13.52 -5.52 16.74
N ARG B 74 12.59 -4.94 16.00
CA ARG B 74 11.41 -4.33 16.61
C ARG B 74 10.12 -4.67 15.88
N ASN B 75 9.00 -4.49 16.58
CA ASN B 75 7.70 -4.76 15.99
C ASN B 75 6.66 -3.84 16.62
N ALA B 76 6.10 -2.94 15.81
CA ALA B 76 5.10 -1.99 16.29
C ALA B 76 3.68 -2.47 16.01
N HIS B 77 3.54 -3.70 15.53
CA HIS B 77 2.26 -4.30 15.21
C HIS B 77 1.34 -3.36 14.45
N SER B 78 1.84 -2.85 13.35
CA SER B 78 1.09 -1.92 12.52
C SER B 78 1.68 -1.86 11.12
N ALA B 79 0.94 -1.26 10.20
CA ALA B 79 1.39 -1.15 8.83
C ALA B 79 0.87 0.16 8.25
N THR B 80 1.68 0.78 7.42
CA THR B 80 1.30 2.03 6.80
C THR B 80 1.33 1.89 5.29
N THR B 81 0.34 2.49 4.61
CA THR B 81 0.30 2.47 3.16
C THR B 81 0.26 3.90 2.71
N TRP B 82 1.07 4.22 1.72
CA TRP B 82 1.13 5.56 1.15
C TRP B 82 0.55 5.46 -0.25
N SER B 83 -0.35 6.39 -0.57
CA SER B 83 -0.97 6.44 -1.89
C SER B 83 -0.78 7.84 -2.44
N GLY B 84 -0.26 7.96 -3.66
CA GLY B 84 -0.06 9.28 -4.21
C GLY B 84 0.47 9.29 -5.62
N GLN B 85 1.16 10.36 -5.98
CA GLN B 85 1.71 10.46 -7.31
C GLN B 85 3.05 11.17 -7.35
N TYR B 86 3.86 10.73 -8.31
CA TYR B 86 5.18 11.29 -8.53
C TYR B 86 5.06 12.40 -9.57
N VAL B 87 5.69 13.54 -9.29
CA VAL B 87 5.69 14.67 -10.20
C VAL B 87 7.15 14.98 -10.51
N GLY B 88 7.52 14.86 -11.78
CA GLY B 88 8.90 15.11 -12.17
C GLY B 88 9.22 16.59 -12.33
N GLY B 89 10.47 16.88 -12.72
CA GLY B 89 10.88 18.25 -12.92
C GLY B 89 12.06 18.64 -12.06
N ALA B 90 12.42 19.92 -12.09
CA ALA B 90 13.54 20.42 -11.29
C ALA B 90 13.20 20.30 -9.81
N GLU B 91 11.91 20.44 -9.51
CA GLU B 91 11.41 20.35 -8.14
C GLU B 91 10.55 19.09 -8.02
N ALA B 92 11.14 17.95 -8.36
CA ALA B 92 10.43 16.67 -8.33
C ALA B 92 10.01 16.31 -6.91
N ARG B 93 8.87 15.65 -6.80
CA ARG B 93 8.40 15.23 -5.49
C ARG B 93 7.31 14.18 -5.60
N ILE B 94 7.04 13.54 -4.47
CA ILE B 94 6.00 12.52 -4.41
C ILE B 94 5.04 13.02 -3.34
N ASN B 95 3.81 13.34 -3.76
CA ASN B 95 2.77 13.82 -2.85
C ASN B 95 1.92 12.62 -2.49
N THR B 96 1.78 12.36 -1.20
CA THR B 96 1.00 11.21 -0.76
C THR B 96 0.04 11.51 0.37
N GLN B 97 -0.84 10.53 0.60
CA GLN B 97 -1.80 10.53 1.69
C GLN B 97 -1.51 9.14 2.23
N TRP B 98 -1.53 8.95 3.54
CA TRP B 98 -1.25 7.63 4.08
C TRP B 98 -2.26 7.18 5.12
N LEU B 99 -2.27 5.87 5.34
CA LEU B 99 -3.15 5.23 6.32
C LEU B 99 -2.31 4.29 7.17
N LEU B 100 -2.32 4.52 8.48
CA LEU B 100 -1.56 3.68 9.40
C LEU B 100 -2.56 2.86 10.22
N THR B 101 -2.56 1.55 10.02
CA THR B 101 -3.47 0.68 10.76
C THR B 101 -2.72 -0.16 11.78
N SER B 102 -3.22 -0.14 13.02
CA SER B 102 -2.60 -0.92 14.10
C SER B 102 -3.44 -2.17 14.36
N GLY B 103 -2.77 -3.25 14.79
CA GLY B 103 -3.50 -4.47 15.11
C GLY B 103 -4.21 -4.18 16.41
N THR B 104 -5.52 -4.37 16.45
CA THR B 104 -6.29 -4.10 17.66
C THR B 104 -7.26 -5.20 18.00
N THR B 105 -7.85 -5.09 19.19
CA THR B 105 -8.87 -6.05 19.61
C THR B 105 -10.13 -5.59 18.91
N GLU B 106 -11.18 -6.39 18.96
CA GLU B 106 -12.43 -6.03 18.31
C GLU B 106 -12.99 -4.74 18.88
N ALA B 107 -12.86 -4.57 20.19
CA ALA B 107 -13.39 -3.40 20.87
C ALA B 107 -12.71 -2.08 20.47
N ASN B 108 -11.44 -2.16 20.08
CA ASN B 108 -10.70 -0.97 19.69
C ASN B 108 -10.55 -0.79 18.17
N ALA B 109 -11.22 -1.65 17.41
CA ALA B 109 -11.14 -1.59 15.95
C ALA B 109 -11.56 -0.24 15.37
N TRP B 110 -12.52 0.42 16.01
CA TRP B 110 -12.99 1.71 15.52
C TRP B 110 -11.90 2.78 15.47
N LYS B 111 -10.91 2.66 16.36
CA LYS B 111 -9.82 3.62 16.42
C LYS B 111 -8.48 3.00 16.00
N SER B 112 -8.54 2.10 15.03
CA SER B 112 -7.33 1.41 14.57
C SER B 112 -6.56 2.09 13.45
N THR B 113 -7.19 3.06 12.78
CA THR B 113 -6.53 3.68 11.64
C THR B 113 -6.33 5.19 11.67
N LEU B 114 -5.07 5.58 11.49
CA LEU B 114 -4.70 6.99 11.45
C LEU B 114 -4.54 7.40 9.99
N VAL B 115 -4.82 8.67 9.69
CA VAL B 115 -4.67 9.16 8.33
C VAL B 115 -3.83 10.43 8.34
N GLY B 116 -2.99 10.58 7.32
CA GLY B 116 -2.14 11.76 7.24
C GLY B 116 -1.65 11.97 5.83
N HIS B 117 -0.66 12.84 5.67
CA HIS B 117 -0.09 13.13 4.35
C HIS B 117 1.39 13.45 4.46
N ASP B 118 2.17 12.95 3.50
CA ASP B 118 3.61 13.19 3.45
C ASP B 118 3.99 13.68 2.06
N THR B 119 4.99 14.55 2.01
CA THR B 119 5.50 15.06 0.74
C THR B 119 6.97 14.69 0.76
N PHE B 120 7.41 13.96 -0.26
CA PHE B 120 8.81 13.54 -0.34
C PHE B 120 9.54 14.34 -1.42
N THR B 121 10.78 14.73 -1.12
CA THR B 121 11.59 15.48 -2.06
C THR B 121 12.95 14.80 -2.22
N LYS B 122 13.66 15.15 -3.29
CA LYS B 122 14.97 14.58 -3.55
C LYS B 122 16.06 15.24 -2.73
N VAL B 123 15.78 16.43 -2.20
CA VAL B 123 16.74 17.17 -1.41
C VAL B 123 16.33 17.17 0.06
N ARG C 1 -22.04 0.20 -15.83
CA ARG C 1 -22.05 0.97 -14.55
C ARG C 1 -20.62 1.18 -14.04
N CYS C 2 -19.86 0.09 -13.95
CA CYS C 2 -18.48 0.14 -13.49
C CYS C 2 -17.50 0.39 -14.63
N CYS C 3 -16.79 1.51 -14.57
CA CYS C 3 -15.82 1.87 -15.61
C CYS C 3 -14.39 1.94 -15.09
N HIS C 4 -14.18 1.41 -13.88
CA HIS C 4 -12.85 1.39 -13.29
C HIS C 4 -12.61 -0.02 -12.75
N PRO C 5 -11.38 -0.53 -12.90
CA PRO C 5 -11.03 -1.88 -12.43
C PRO C 5 -11.42 -2.20 -11.00
N GLN C 6 -11.36 -1.20 -10.11
CA GLN C 6 -11.67 -1.46 -8.72
C GLN C 6 -13.09 -1.91 -8.43
N CYS C 7 -14.08 -1.37 -9.16
CA CYS C 7 -15.45 -1.79 -8.90
C CYS C 7 -15.84 -3.07 -9.64
N GLY C 8 -14.83 -3.85 -10.03
CA GLY C 8 -15.07 -5.12 -10.70
C GLY C 8 -15.29 -5.10 -12.20
N MET C 9 -14.81 -4.04 -12.85
CA MET C 9 -14.96 -3.91 -14.29
C MET C 9 -14.50 -5.16 -15.04
N VAL C 10 -15.34 -5.64 -15.94
CA VAL C 10 -15.03 -6.83 -16.74
C VAL C 10 -14.72 -6.39 -18.17
N GLU C 11 -15.64 -5.68 -18.78
CA GLU C 11 -15.47 -5.18 -20.15
C GLU C 11 -15.25 -3.68 -20.11
N GLU C 12 -14.39 -3.18 -21.01
CA GLU C 12 -14.11 -1.76 -21.07
C GLU C 12 -15.39 -1.01 -21.46
N CYS C 13 -15.45 0.26 -21.10
CA CYS C 13 -16.61 1.09 -21.41
C CYS C 13 -16.31 2.04 -22.56
N ARG D 1 10.47 11.59 22.37
CA ARG D 1 9.44 12.37 21.62
C ARG D 1 8.66 11.42 20.71
N CYS D 2 9.32 10.95 19.66
CA CYS D 2 8.71 10.03 18.71
C CYS D 2 8.92 8.59 19.18
N CYS D 3 7.83 7.84 19.32
CA CYS D 3 7.90 6.46 19.77
C CYS D 3 7.40 5.44 18.75
N HIS D 4 7.21 5.89 17.51
CA HIS D 4 6.75 5.00 16.44
C HIS D 4 7.66 5.23 15.24
N PRO D 5 8.03 4.14 14.55
CA PRO D 5 8.90 4.24 13.37
C PRO D 5 8.53 5.32 12.37
N GLN D 6 7.23 5.59 12.21
CA GLN D 6 6.83 6.56 11.23
C GLN D 6 7.23 8.02 11.46
N CYS D 7 7.24 8.48 12.71
CA CYS D 7 7.63 9.86 12.94
C CYS D 7 9.15 10.02 13.03
N GLY D 8 9.87 9.03 12.49
CA GLY D 8 11.32 9.07 12.47
C GLY D 8 12.05 8.54 13.69
N MET D 9 11.40 7.66 14.45
CA MET D 9 12.00 7.09 15.65
C MET D 9 13.39 6.49 15.40
N VAL D 10 14.35 6.89 16.22
CA VAL D 10 15.71 6.39 16.10
C VAL D 10 16.00 5.45 17.27
N GLU D 11 15.84 5.96 18.49
CA GLU D 11 16.07 5.14 19.67
C GLU D 11 14.75 4.72 20.32
N GLU D 12 14.71 3.50 20.82
CA GLU D 12 13.53 2.96 21.47
C GLU D 12 13.12 3.83 22.65
N CYS D 13 11.87 3.69 23.08
CA CYS D 13 11.36 4.45 24.21
C CYS D 13 11.00 3.52 25.36
#